data_8CER
#
_entry.id   8CER
#
_cell.length_a   51.857
_cell.length_b   83.586
_cell.length_c   154.403
_cell.angle_alpha   90.000
_cell.angle_beta   90.000
_cell.angle_gamma   90.000
#
_symmetry.space_group_name_H-M   'P 21 21 21'
#
loop_
_entity.id
_entity.type
_entity.pdbx_description
1 polymer "Cap-specific mRNA (nucleoside-2'-O-)-methyltransferase"
2 non-polymer '(2~{S})-2-azanyl-4-[[(2~{S},3~{S},4~{R},5~{R})-5-[4-azanyl-5-(2-naphthalen-1-ylethynyl)pyrrolo[2,3-d]pyrimidin-7-yl]-3,4-bis(oxidanyl)oxolan-2-yl]methylsulfanyl]butanoic acid'
3 water water
#
_entity_poly.entity_id   1
_entity_poly.type   'polypeptide(L)'
_entity_poly.pdbx_seq_one_letter_code
;MDVVSLDKPFMYFEEIDNELDYEPESANEVAKKLPYQGQLKLLLGELFFLSKLQRHGILDGATVVYIGSAPGTHIRYLRD
HFYNLGVIIKWMLIDGRHHDPILNGLRDVTLVTRFVDEEYLRSIKKQLHPSKIILISDVRSKRGGNEPSTADLLSNYALQ
NVMISILNPVASSLKWRCPFPDQWIKDFYIPHGNKMLQPFAPSYSAEMRLLSIYTGENMRLTRVTKSDAVNYEKKMYYLN
KIVRNKVVINFDYPNQEYDYFHMYFMLRTVYCNKTFPTTKAKILFLQQSIFRFLNIPTTSTEKVSHE
;
_entity_poly.pdbx_strand_id   A,B
#
loop_
_chem_comp.id
_chem_comp.type
_chem_comp.name
_chem_comp.formula
UEM non-polymer '(2~{S})-2-azanyl-4-[[(2~{S},3~{S},4~{R},5~{R})-5-[4-azanyl-5-(2-naphthalen-1-ylethynyl)pyrrolo[2,3-d]pyrimidin-7-yl]-3,4-bis(oxidanyl)oxolan-2-yl]methylsulfanyl]butanoic acid' 'C27 H27 N5 O5 S'
#
# COMPACT_ATOMS: atom_id res chain seq x y z
N MET A 1 -0.48 -5.72 -43.63
CA MET A 1 -1.18 -6.32 -42.50
C MET A 1 -1.96 -7.56 -42.93
N ASP A 2 -1.61 -8.70 -42.34
CA ASP A 2 -2.27 -9.96 -42.68
C ASP A 2 -3.77 -9.86 -42.39
N VAL A 3 -4.57 -10.43 -43.29
CA VAL A 3 -6.02 -10.30 -43.21
C VAL A 3 -6.57 -11.35 -42.25
N VAL A 4 -7.72 -11.02 -41.63
CA VAL A 4 -8.36 -11.90 -40.66
C VAL A 4 -9.86 -11.58 -40.67
N SER A 5 -10.66 -12.58 -40.30
CA SER A 5 -12.11 -12.47 -40.26
C SER A 5 -12.58 -12.69 -38.83
N LEU A 6 -13.09 -11.63 -38.19
CA LEU A 6 -13.46 -11.66 -36.79
C LEU A 6 -14.92 -11.27 -36.59
N ASP A 7 -15.55 -11.90 -35.60
CA ASP A 7 -16.87 -11.50 -35.15
C ASP A 7 -16.83 -10.40 -34.11
N LYS A 8 -15.75 -10.34 -33.33
CA LYS A 8 -15.65 -9.44 -32.20
C LYS A 8 -14.19 -9.33 -31.80
N PRO A 9 -13.75 -8.17 -31.33
CA PRO A 9 -12.36 -8.03 -30.87
C PRO A 9 -12.21 -8.55 -29.45
N PHE A 10 -10.96 -8.65 -29.02
CA PHE A 10 -10.68 -8.91 -27.61
C PHE A 10 -10.95 -7.65 -26.82
N MET A 11 -11.92 -7.70 -25.92
CA MET A 11 -12.26 -6.54 -25.10
C MET A 11 -11.55 -6.54 -23.76
N TYR A 12 -11.26 -7.72 -23.21
CA TYR A 12 -10.62 -7.84 -21.91
C TYR A 12 -9.46 -8.81 -22.00
N PHE A 13 -8.50 -8.64 -21.10
CA PHE A 13 -7.28 -9.43 -21.14
C PHE A 13 -7.57 -10.92 -21.11
N GLU A 14 -8.58 -11.33 -20.34
CA GLU A 14 -8.90 -12.73 -20.18
C GLU A 14 -9.25 -13.41 -21.51
N GLU A 15 -9.66 -12.65 -22.51
CA GLU A 15 -10.10 -13.20 -23.79
C GLU A 15 -8.96 -13.55 -24.73
N ILE A 16 -7.74 -13.07 -24.48
CA ILE A 16 -6.61 -13.41 -25.35
C ILE A 16 -6.39 -14.91 -25.31
N ASP A 17 -6.33 -15.53 -26.49
CA ASP A 17 -6.35 -16.99 -26.60
C ASP A 17 -5.06 -17.56 -27.21
N ASN A 18 -3.97 -16.81 -27.16
CA ASN A 18 -2.68 -17.29 -27.64
C ASN A 18 -1.60 -16.41 -27.04
N GLU A 19 -0.35 -16.85 -27.18
CA GLU A 19 0.79 -16.12 -26.62
C GLU A 19 1.99 -16.23 -27.55
N LEU A 20 2.94 -15.32 -27.35
CA LEU A 20 4.13 -15.24 -28.18
C LEU A 20 5.30 -14.74 -27.34
N ASP A 21 6.49 -15.23 -27.67
CA ASP A 21 7.68 -14.86 -26.92
C ASP A 21 8.06 -13.41 -27.22
N TYR A 22 8.07 -12.57 -26.18
CA TYR A 22 8.36 -11.16 -26.36
C TYR A 22 9.79 -10.95 -26.85
N GLU A 23 9.97 -9.93 -27.69
CA GLU A 23 11.28 -9.63 -28.24
C GLU A 23 11.54 -8.13 -28.29
N LEU A 34 -0.25 7.93 -34.78
CA LEU A 34 -1.29 8.94 -34.75
C LEU A 34 -0.92 10.11 -33.86
N PRO A 35 -1.39 11.31 -34.22
CA PRO A 35 -1.11 12.50 -33.40
C PRO A 35 -1.95 12.48 -32.13
N TYR A 36 -1.27 12.71 -30.99
CA TYR A 36 -1.91 12.71 -29.67
C TYR A 36 -2.68 11.42 -29.44
N GLN A 37 -2.03 10.30 -29.77
CA GLN A 37 -2.67 8.99 -29.64
C GLN A 37 -2.99 8.66 -28.19
N GLY A 38 -2.24 9.23 -27.23
CA GLY A 38 -2.47 8.92 -25.84
C GLY A 38 -3.82 9.43 -25.33
N GLN A 39 -4.20 10.65 -25.73
CA GLN A 39 -5.49 11.18 -25.32
C GLN A 39 -6.63 10.36 -25.91
N LEU A 40 -6.46 9.87 -27.14
CA LEU A 40 -7.47 9.00 -27.75
C LEU A 40 -7.60 7.70 -26.98
N LYS A 41 -6.48 7.10 -26.57
CA LYS A 41 -6.52 5.87 -25.80
C LYS A 41 -7.25 6.07 -24.48
N LEU A 42 -6.93 7.16 -23.77
CA LEU A 42 -7.61 7.46 -22.51
C LEU A 42 -9.08 7.76 -22.74
N LEU A 43 -9.40 8.53 -23.79
CA LEU A 43 -10.79 8.93 -24.02
C LEU A 43 -11.68 7.72 -24.25
N LEU A 44 -11.23 6.77 -25.07
CA LEU A 44 -12.06 5.60 -25.38
C LEU A 44 -12.27 4.74 -24.14
N GLY A 45 -11.19 4.40 -23.44
CA GLY A 45 -11.33 3.56 -22.25
C GLY A 45 -12.20 4.20 -21.18
N GLU A 46 -12.08 5.53 -21.01
CA GLU A 46 -12.91 6.22 -20.04
C GLU A 46 -14.33 6.43 -20.54
N LEU A 47 -14.51 6.62 -21.85
CA LEU A 47 -15.87 6.58 -22.41
C LEU A 47 -16.49 5.20 -22.23
N PHE A 48 -15.71 4.15 -22.48
CA PHE A 48 -16.19 2.78 -22.31
C PHE A 48 -16.56 2.51 -20.86
N PHE A 49 -15.65 2.83 -19.94
CA PHE A 49 -15.89 2.61 -18.52
C PHE A 49 -17.13 3.36 -18.04
N LEU A 50 -17.19 4.66 -18.32
CA LEU A 50 -18.32 5.46 -17.84
C LEU A 50 -19.62 5.10 -18.52
N SER A 51 -19.57 4.63 -19.77
CA SER A 51 -20.79 4.21 -20.45
C SER A 51 -21.31 2.88 -19.92
N LYS A 52 -20.41 1.99 -19.49
CA LYS A 52 -20.86 0.79 -18.77
C LYS A 52 -21.56 1.18 -17.48
N LEU A 53 -21.01 2.14 -16.74
CA LEU A 53 -21.65 2.60 -15.52
C LEU A 53 -22.99 3.26 -15.82
N GLN A 54 -23.08 4.01 -16.93
CA GLN A 54 -24.36 4.58 -17.31
C GLN A 54 -25.38 3.49 -17.62
N ARG A 55 -24.94 2.39 -18.23
CA ARG A 55 -25.84 1.28 -18.51
C ARG A 55 -26.37 0.66 -17.22
N HIS A 56 -25.53 0.60 -16.18
CA HIS A 56 -25.95 0.10 -14.88
C HIS A 56 -26.73 1.13 -14.06
N GLY A 57 -26.94 2.33 -14.59
CA GLY A 57 -27.72 3.34 -13.89
C GLY A 57 -27.08 3.89 -12.63
N ILE A 58 -25.77 3.72 -12.47
CA ILE A 58 -25.06 4.23 -11.31
C ILE A 58 -24.19 5.43 -11.64
N LEU A 59 -24.10 5.81 -12.91
CA LEU A 59 -23.32 7.00 -13.26
C LEU A 59 -24.05 8.28 -12.86
N ASP A 60 -25.37 8.29 -12.98
CA ASP A 60 -26.13 9.51 -12.71
C ASP A 60 -26.09 9.84 -11.23
N GLY A 61 -25.83 11.12 -10.93
CA GLY A 61 -25.67 11.58 -9.58
C GLY A 61 -24.30 11.35 -8.98
N ALA A 62 -23.39 10.74 -9.73
CA ALA A 62 -22.08 10.42 -9.18
C ALA A 62 -21.14 11.62 -9.27
N THR A 63 -20.03 11.51 -8.55
CA THR A 63 -18.93 12.45 -8.63
C THR A 63 -17.71 11.69 -9.11
N VAL A 64 -17.20 12.04 -10.29
CA VAL A 64 -16.03 11.37 -10.85
C VAL A 64 -14.78 12.04 -10.30
N VAL A 65 -14.01 11.30 -9.51
CA VAL A 65 -12.75 11.77 -8.95
C VAL A 65 -11.64 11.19 -9.80
N TYR A 66 -10.97 12.05 -10.56
CA TYR A 66 -9.91 11.67 -11.49
C TYR A 66 -8.59 12.15 -10.93
N ILE A 67 -7.74 11.20 -10.52
CA ILE A 67 -6.45 11.49 -9.91
C ILE A 67 -5.37 11.19 -10.94
N GLY A 68 -4.39 12.09 -11.04
CA GLY A 68 -3.47 12.04 -12.16
C GLY A 68 -4.14 12.42 -13.46
N SER A 69 -4.96 13.47 -13.44
CA SER A 69 -5.79 13.88 -14.56
C SER A 69 -5.14 14.92 -15.46
N ALA A 70 -3.93 15.39 -15.13
CA ALA A 70 -3.39 16.45 -15.96
C ALA A 70 -2.42 15.90 -17.00
N PRO A 71 -2.36 16.50 -18.20
CA PRO A 71 -3.09 17.70 -18.65
C PRO A 71 -4.58 17.43 -18.87
N GLY A 72 -4.93 16.20 -19.24
CA GLY A 72 -6.33 15.82 -19.34
C GLY A 72 -7.13 16.59 -20.37
N THR A 73 -6.58 16.76 -21.57
CA THR A 73 -7.32 17.42 -22.64
C THR A 73 -8.60 16.65 -22.96
N HIS A 74 -8.51 15.32 -23.03
CA HIS A 74 -9.65 14.50 -23.42
C HIS A 74 -10.80 14.56 -22.41
N ILE A 75 -10.52 14.95 -21.17
CA ILE A 75 -11.56 14.96 -20.14
C ILE A 75 -12.65 15.97 -20.49
N ARG A 76 -12.30 17.03 -21.23
CA ARG A 76 -13.32 17.97 -21.68
C ARG A 76 -14.35 17.30 -22.57
N TYR A 77 -13.91 16.44 -23.48
CA TYR A 77 -14.86 15.72 -24.32
C TYR A 77 -15.73 14.80 -23.49
N LEU A 78 -15.16 14.17 -22.45
CA LEU A 78 -15.94 13.30 -21.58
C LEU A 78 -17.06 14.08 -20.90
N ARG A 79 -16.74 15.23 -20.33
CA ARG A 79 -17.76 16.01 -19.62
C ARG A 79 -18.84 16.51 -20.58
N ASP A 80 -18.43 17.13 -21.70
CA ASP A 80 -19.40 17.61 -22.67
C ASP A 80 -20.30 16.49 -23.16
N HIS A 81 -19.76 15.27 -23.29
CA HIS A 81 -20.57 14.14 -23.73
C HIS A 81 -21.69 13.84 -22.73
N PHE A 82 -21.33 13.68 -21.45
CA PHE A 82 -22.33 13.37 -20.45
C PHE A 82 -23.16 14.58 -20.04
N TYR A 83 -22.61 15.79 -20.17
CA TYR A 83 -23.42 16.99 -19.95
C TYR A 83 -24.52 17.10 -21.01
N ASN A 84 -24.19 16.83 -22.27
CA ASN A 84 -25.18 16.93 -23.34
C ASN A 84 -26.20 15.79 -23.27
N LEU A 85 -25.86 14.69 -22.60
CA LEU A 85 -26.82 13.61 -22.39
C LEU A 85 -27.76 13.89 -21.22
N GLY A 86 -27.54 14.98 -20.48
CA GLY A 86 -28.34 15.24 -19.30
C GLY A 86 -27.98 14.42 -18.09
N VAL A 87 -26.85 13.74 -18.11
CA VAL A 87 -26.40 12.97 -16.95
C VAL A 87 -25.74 13.93 -15.97
N ILE A 88 -26.22 13.93 -14.72
CA ILE A 88 -25.76 14.86 -13.71
C ILE A 88 -24.49 14.30 -13.10
N ILE A 89 -23.35 14.90 -13.44
CA ILE A 89 -22.04 14.44 -13.02
C ILE A 89 -21.24 15.64 -12.53
N LYS A 90 -20.59 15.49 -11.38
CA LYS A 90 -19.57 16.43 -10.94
C LYS A 90 -18.20 15.79 -11.18
N TRP A 91 -17.26 16.60 -11.64
CA TRP A 91 -15.90 16.15 -11.88
C TRP A 91 -14.96 16.81 -10.88
N MET A 92 -14.03 16.02 -10.36
CA MET A 92 -12.96 16.53 -9.49
C MET A 92 -11.64 16.02 -10.05
N LEU A 93 -10.89 16.90 -10.70
CA LEU A 93 -9.64 16.55 -11.34
C LEU A 93 -8.50 17.01 -10.44
N ILE A 94 -7.72 16.05 -9.95
CA ILE A 94 -6.68 16.30 -8.96
C ILE A 94 -5.34 15.86 -9.54
N ASP A 95 -4.39 16.78 -9.59
CA ASP A 95 -3.08 16.48 -10.15
C ASP A 95 -2.10 17.56 -9.70
N GLY A 96 -0.87 17.15 -9.42
CA GLY A 96 0.16 18.12 -9.08
C GLY A 96 0.49 19.06 -10.22
N ARG A 97 0.40 18.56 -11.45
CA ARG A 97 0.64 19.40 -12.62
C ARG A 97 -0.63 20.18 -12.98
N HIS A 98 -0.45 21.21 -13.79
CA HIS A 98 -1.57 22.04 -14.21
C HIS A 98 -2.32 21.37 -15.36
N HIS A 99 -3.65 21.46 -15.30
CA HIS A 99 -4.49 20.84 -16.31
C HIS A 99 -4.47 21.65 -17.59
N ASP A 100 -4.98 21.03 -18.65
CA ASP A 100 -5.16 21.74 -19.91
C ASP A 100 -6.13 22.89 -19.72
N PRO A 101 -5.78 24.11 -20.16
CA PRO A 101 -6.71 25.24 -19.98
C PRO A 101 -8.06 25.05 -20.63
N ILE A 102 -8.18 24.15 -21.60
CA ILE A 102 -9.47 23.85 -22.21
C ILE A 102 -10.48 23.34 -21.19
N LEU A 103 -10.03 22.96 -20.01
CA LEU A 103 -10.90 22.55 -18.92
C LEU A 103 -11.36 23.72 -18.05
N ASN A 104 -10.95 24.94 -18.38
CA ASN A 104 -11.31 26.11 -17.57
C ASN A 104 -12.76 26.50 -17.78
N GLY A 105 -13.31 27.18 -16.78
CA GLY A 105 -14.62 27.79 -16.91
C GLY A 105 -15.80 26.85 -16.93
N LEU A 106 -15.65 25.64 -16.39
CA LEU A 106 -16.73 24.68 -16.31
C LEU A 106 -17.16 24.57 -14.86
N ARG A 107 -18.42 24.94 -14.60
CA ARG A 107 -18.91 25.00 -13.21
C ARG A 107 -18.91 23.61 -12.58
N ASP A 108 -19.21 22.58 -13.36
CA ASP A 108 -19.26 21.22 -12.83
C ASP A 108 -17.90 20.54 -12.79
N VAL A 109 -16.84 21.22 -13.21
CA VAL A 109 -15.49 20.67 -13.20
C VAL A 109 -14.67 21.44 -12.17
N THR A 110 -14.18 20.72 -11.16
CA THR A 110 -13.34 21.30 -10.11
C THR A 110 -11.89 20.89 -10.37
N LEU A 111 -11.02 21.89 -10.51
CA LEU A 111 -9.61 21.66 -10.80
C LEU A 111 -8.79 21.83 -9.53
N VAL A 112 -8.08 20.78 -9.14
CA VAL A 112 -7.31 20.75 -7.90
C VAL A 112 -5.85 20.48 -8.24
N THR A 113 -4.97 21.41 -7.90
CA THR A 113 -3.53 21.28 -8.14
C THR A 113 -2.90 20.76 -6.86
N ARG A 114 -2.76 19.45 -6.75
CA ARG A 114 -2.23 18.83 -5.55
C ARG A 114 -1.90 17.37 -5.82
N PHE A 115 -0.77 16.91 -5.29
CA PHE A 115 -0.44 15.49 -5.29
C PHE A 115 -1.13 14.83 -4.10
N VAL A 116 -1.90 13.79 -4.37
CA VAL A 116 -2.70 13.16 -3.32
C VAL A 116 -1.81 12.28 -2.46
N ASP A 117 -2.09 12.27 -1.16
CA ASP A 117 -1.52 11.31 -0.24
C ASP A 117 -2.67 10.75 0.60
N GLU A 118 -2.32 9.92 1.58
CA GLU A 118 -3.36 9.29 2.39
C GLU A 118 -4.18 10.34 3.13
N GLU A 119 -3.52 11.36 3.68
CA GLU A 119 -4.23 12.39 4.45
C GLU A 119 -5.22 13.13 3.56
N TYR A 120 -4.80 13.52 2.35
CA TYR A 120 -5.67 14.30 1.48
C TYR A 120 -6.84 13.46 0.96
N LEU A 121 -6.62 12.16 0.73
CA LEU A 121 -7.73 11.29 0.34
C LEU A 121 -8.80 11.25 1.43
N ARG A 122 -8.39 11.28 2.70
CA ARG A 122 -9.35 11.32 3.80
C ARG A 122 -10.23 12.56 3.71
N SER A 123 -9.62 13.71 3.47
CA SER A 123 -10.39 14.96 3.42
C SER A 123 -11.27 15.03 2.18
N ILE A 124 -10.82 14.46 1.06
CA ILE A 124 -11.69 14.36 -0.11
C ILE A 124 -12.94 13.57 0.25
N LYS A 125 -12.75 12.42 0.89
CA LYS A 125 -13.87 11.55 1.24
C LYS A 125 -14.82 12.26 2.20
N LYS A 126 -14.27 12.98 3.18
CA LYS A 126 -15.11 13.70 4.14
C LYS A 126 -15.99 14.72 3.43
N GLN A 127 -15.42 15.48 2.50
CA GLN A 127 -16.17 16.56 1.84
C GLN A 127 -17.10 16.06 0.74
N LEU A 128 -16.89 14.85 0.22
CA LEU A 128 -17.77 14.30 -0.80
C LEU A 128 -18.79 13.33 -0.24
N HIS A 129 -18.55 12.76 0.94
CA HIS A 129 -19.47 11.83 1.55
C HIS A 129 -20.79 12.54 1.86
N PRO A 130 -21.94 11.88 1.69
CA PRO A 130 -22.15 10.48 1.27
C PRO A 130 -22.47 10.33 -0.21
N SER A 131 -22.00 11.21 -1.10
CA SER A 131 -22.32 11.09 -2.51
C SER A 131 -21.51 9.97 -3.16
N LYS A 132 -22.06 9.41 -4.24
CA LYS A 132 -21.40 8.34 -4.97
C LYS A 132 -20.10 8.84 -5.60
N ILE A 133 -19.01 8.11 -5.37
CA ILE A 133 -17.71 8.44 -5.91
C ILE A 133 -17.36 7.40 -6.96
N ILE A 134 -16.92 7.86 -8.13
CA ILE A 134 -16.35 7.01 -9.17
C ILE A 134 -14.90 7.41 -9.34
N LEU A 135 -13.99 6.45 -9.22
CA LEU A 135 -12.57 6.73 -9.22
C LEU A 135 -11.95 6.39 -10.58
N ILE A 136 -11.26 7.36 -11.17
CA ILE A 136 -10.40 7.14 -12.33
C ILE A 136 -8.99 7.56 -11.92
N SER A 137 -8.06 6.63 -11.96
CA SER A 137 -6.67 6.90 -11.64
C SER A 137 -5.80 6.64 -12.85
N ASP A 138 -4.90 7.59 -13.15
CA ASP A 138 -3.89 7.42 -14.18
C ASP A 138 -2.55 7.94 -13.67
N VAL A 139 -2.31 7.83 -12.36
CA VAL A 139 -1.09 8.37 -11.78
C VAL A 139 0.11 7.55 -12.23
N ARG A 140 1.21 8.25 -12.53
CA ARG A 140 2.45 7.62 -12.95
C ARG A 140 3.61 8.43 -12.42
N SER A 141 4.65 7.73 -11.97
CA SER A 141 5.82 8.38 -11.39
C SER A 141 7.02 8.23 -12.30
N GLU A 147 11.63 5.84 -17.97
CA GLU A 147 10.82 4.64 -17.77
C GLU A 147 10.71 4.31 -16.29
N PRO A 148 9.53 3.83 -15.88
CA PRO A 148 9.32 3.53 -14.46
C PRO A 148 9.89 2.17 -14.06
N SER A 149 10.33 2.10 -12.81
CA SER A 149 10.86 0.87 -12.24
C SER A 149 9.74 0.07 -11.59
N THR A 150 10.08 -1.14 -11.13
CA THR A 150 9.08 -1.97 -10.45
C THR A 150 8.69 -1.39 -9.09
N ALA A 151 9.64 -0.79 -8.39
CA ALA A 151 9.32 -0.10 -7.15
C ALA A 151 8.38 1.07 -7.41
N ASP A 152 8.56 1.76 -8.54
CA ASP A 152 7.66 2.84 -8.91
C ASP A 152 6.24 2.31 -9.13
N LEU A 153 6.11 1.18 -9.83
CA LEU A 153 4.80 0.59 -10.04
C LEU A 153 4.18 0.10 -8.73
N LEU A 154 4.98 -0.56 -7.89
CA LEU A 154 4.46 -1.07 -6.63
C LEU A 154 3.97 0.06 -5.74
N SER A 155 4.72 1.16 -5.68
CA SER A 155 4.24 2.34 -4.97
C SER A 155 2.97 2.88 -5.62
N ASN A 156 2.94 2.93 -6.95
CA ASN A 156 1.74 3.39 -7.66
C ASN A 156 0.53 2.54 -7.32
N TYR A 157 0.67 1.21 -7.43
CA TYR A 157 -0.47 0.33 -7.19
C TYR A 157 -0.86 0.31 -5.73
N ALA A 158 0.10 0.46 -4.82
CA ALA A 158 -0.24 0.63 -3.41
C ALA A 158 -1.06 1.89 -3.21
N LEU A 159 -0.66 3.00 -3.85
CA LEU A 159 -1.42 4.24 -3.75
C LEU A 159 -2.83 4.06 -4.29
N GLN A 160 -3.00 3.28 -5.35
CA GLN A 160 -4.32 3.05 -5.91
C GLN A 160 -5.19 2.24 -4.96
N ASN A 161 -4.63 1.22 -4.31
CA ASN A 161 -5.38 0.50 -3.28
C ASN A 161 -5.81 1.44 -2.16
N VAL A 162 -4.91 2.35 -1.75
CA VAL A 162 -5.24 3.33 -0.73
C VAL A 162 -6.40 4.22 -1.19
N MET A 163 -6.38 4.62 -2.47
CA MET A 163 -7.51 5.36 -3.02
C MET A 163 -8.81 4.59 -2.86
N ILE A 164 -8.77 3.28 -3.11
CA ILE A 164 -10.00 2.48 -3.05
C ILE A 164 -10.46 2.30 -1.60
N SER A 165 -9.53 2.00 -0.69
CA SER A 165 -9.93 1.76 0.69
C SER A 165 -10.46 3.02 1.36
N ILE A 166 -9.98 4.19 0.96
CA ILE A 166 -10.40 5.45 1.58
C ILE A 166 -11.61 6.01 0.86
N LEU A 167 -11.47 6.29 -0.44
CA LEU A 167 -12.57 6.89 -1.17
C LEU A 167 -13.77 5.96 -1.28
N ASN A 168 -13.54 4.65 -1.19
CA ASN A 168 -14.60 3.65 -1.29
C ASN A 168 -15.53 3.93 -2.47
N PRO A 169 -15.00 3.98 -3.69
CA PRO A 169 -15.84 4.32 -4.83
C PRO A 169 -16.84 3.22 -5.13
N VAL A 170 -17.96 3.61 -5.74
CA VAL A 170 -18.90 2.60 -6.22
C VAL A 170 -18.32 1.86 -7.41
N ALA A 171 -17.36 2.45 -8.11
CA ALA A 171 -16.68 1.82 -9.22
C ALA A 171 -15.36 2.54 -9.44
N SER A 172 -14.42 1.84 -10.08
CA SER A 172 -13.10 2.40 -10.33
C SER A 172 -12.55 1.96 -11.68
N SER A 173 -11.74 2.83 -12.28
CA SER A 173 -10.87 2.48 -13.39
C SER A 173 -9.44 2.83 -12.98
N LEU A 174 -8.56 1.84 -12.98
CA LEU A 174 -7.21 2.03 -12.47
C LEU A 174 -6.18 1.63 -13.52
N LYS A 175 -5.17 2.48 -13.68
CA LYS A 175 -4.01 2.16 -14.52
C LYS A 175 -3.36 0.88 -14.03
N TRP A 176 -3.28 -0.13 -14.90
CA TRP A 176 -2.78 -1.44 -14.53
C TRP A 176 -1.83 -1.96 -15.60
N ARG A 177 -0.53 -1.96 -15.30
CA ARG A 177 0.46 -2.67 -16.09
C ARG A 177 1.31 -3.51 -15.15
N CYS A 178 1.34 -4.81 -15.37
CA CYS A 178 2.10 -5.70 -14.51
C CYS A 178 3.60 -5.43 -14.68
N PRO A 179 4.37 -5.47 -13.60
CA PRO A 179 5.83 -5.38 -13.74
C PRO A 179 6.36 -6.53 -14.57
N PHE A 180 7.38 -6.24 -15.36
CA PHE A 180 7.97 -7.26 -16.22
C PHE A 180 8.55 -8.39 -15.38
N PRO A 181 8.47 -9.63 -15.86
CA PRO A 181 8.98 -10.76 -15.07
C PRO A 181 10.46 -10.65 -14.75
N ASP A 182 11.26 -10.09 -15.66
CA ASP A 182 12.69 -9.96 -15.43
C ASP A 182 13.04 -8.78 -14.52
N GLN A 183 12.05 -8.03 -14.04
CA GLN A 183 12.26 -6.96 -13.08
C GLN A 183 11.42 -7.19 -11.83
N TRP A 184 11.08 -8.45 -11.56
CA TRP A 184 10.21 -8.77 -10.43
C TRP A 184 10.90 -8.43 -9.11
N ILE A 185 10.08 -8.08 -8.12
CA ILE A 185 10.59 -7.76 -6.79
C ILE A 185 9.87 -8.61 -5.75
N LYS A 186 8.55 -8.54 -5.72
CA LYS A 186 7.74 -9.26 -4.75
C LYS A 186 6.34 -9.41 -5.30
N ASP A 187 5.60 -10.35 -4.73
CA ASP A 187 4.17 -10.43 -5.03
C ASP A 187 3.44 -9.28 -4.38
N PHE A 188 2.41 -8.78 -5.05
CA PHE A 188 1.61 -7.66 -4.57
C PHE A 188 0.14 -7.97 -4.81
N TYR A 189 -0.72 -7.06 -4.36
CA TYR A 189 -2.15 -7.27 -4.42
C TYR A 189 -2.83 -6.11 -5.15
N ILE A 190 -3.81 -6.46 -5.98
CA ILE A 190 -4.60 -5.47 -6.72
C ILE A 190 -6.07 -5.81 -6.54
N PRO A 191 -6.97 -4.86 -6.80
CA PRO A 191 -8.41 -5.15 -6.69
C PRO A 191 -8.84 -6.17 -7.72
N HIS A 192 -9.94 -6.86 -7.40
CA HIS A 192 -10.65 -7.64 -8.40
C HIS A 192 -11.27 -6.69 -9.42
N GLY A 193 -11.52 -7.23 -10.60
CA GLY A 193 -12.12 -6.46 -11.67
C GLY A 193 -11.73 -7.01 -13.03
N ASN A 194 -12.28 -6.40 -14.06
CA ASN A 194 -12.02 -6.77 -15.44
C ASN A 194 -10.93 -5.88 -16.02
N LYS A 195 -9.97 -6.51 -16.70
CA LYS A 195 -8.78 -5.82 -17.20
C LYS A 195 -9.04 -5.42 -18.65
N MET A 196 -9.52 -4.19 -18.81
CA MET A 196 -9.95 -3.70 -20.11
C MET A 196 -8.76 -3.47 -21.03
N LEU A 197 -8.87 -3.96 -22.27
CA LEU A 197 -7.82 -3.75 -23.25
C LEU A 197 -7.98 -2.38 -23.92
N GLN A 198 -6.85 -1.76 -24.26
CA GLN A 198 -6.85 -0.40 -24.76
C GLN A 198 -6.49 -0.34 -26.23
N PRO A 199 -7.41 0.08 -27.11
CA PRO A 199 -7.03 0.34 -28.49
C PRO A 199 -6.22 1.63 -28.57
N PHE A 200 -5.44 1.75 -29.63
CA PHE A 200 -4.57 2.90 -29.87
C PHE A 200 -3.59 3.12 -28.72
N ALA A 201 -3.29 2.06 -27.98
CA ALA A 201 -2.18 2.07 -27.05
C ALA A 201 -0.87 2.05 -27.84
N PRO A 202 0.25 2.43 -27.20
CA PRO A 202 1.53 2.34 -27.90
C PRO A 202 1.78 0.92 -28.43
N SER A 203 2.60 0.85 -29.47
CA SER A 203 2.65 -0.34 -30.33
C SER A 203 2.86 -1.62 -29.54
N TYR A 204 3.66 -1.58 -28.46
CA TYR A 204 3.92 -2.77 -27.67
C TYR A 204 3.72 -2.49 -26.18
N SER A 205 2.79 -1.60 -25.86
CA SER A 205 2.38 -1.39 -24.47
C SER A 205 1.61 -2.61 -23.97
N ALA A 206 1.87 -2.98 -22.72
CA ALA A 206 1.13 -4.04 -22.03
C ALA A 206 0.22 -3.47 -20.95
N GLU A 207 -0.20 -2.23 -21.10
CA GLU A 207 -1.02 -1.55 -20.12
C GLU A 207 -2.50 -1.77 -20.41
N MET A 208 -3.25 -2.03 -19.35
CA MET A 208 -4.69 -2.19 -19.39
C MET A 208 -5.31 -1.31 -18.31
N ARG A 209 -6.64 -1.20 -18.32
CA ARG A 209 -7.36 -0.47 -17.29
C ARG A 209 -8.17 -1.47 -16.47
N LEU A 210 -7.90 -1.52 -15.17
CA LEU A 210 -8.64 -2.40 -14.26
C LEU A 210 -9.97 -1.75 -13.92
N LEU A 211 -11.06 -2.33 -14.40
CA LEU A 211 -12.40 -1.81 -14.16
C LEU A 211 -13.06 -2.63 -13.07
N SER A 212 -13.47 -1.97 -11.99
CA SER A 212 -14.09 -2.62 -10.85
C SER A 212 -15.45 -1.98 -10.55
N ILE A 213 -16.44 -2.82 -10.27
CA ILE A 213 -17.72 -2.38 -9.71
C ILE A 213 -17.90 -3.09 -8.38
N TYR A 214 -18.06 -2.32 -7.32
CA TYR A 214 -18.00 -2.84 -5.96
C TYR A 214 -19.39 -3.11 -5.42
N THR A 215 -19.57 -4.30 -4.86
CA THR A 215 -20.86 -4.72 -4.32
C THR A 215 -20.71 -5.10 -2.85
N MET A 219 -14.33 -4.93 -1.34
CA MET A 219 -13.21 -5.02 -2.28
C MET A 219 -12.23 -6.11 -1.86
N ARG A 220 -12.24 -7.22 -2.61
CA ARG A 220 -11.35 -8.34 -2.34
C ARG A 220 -10.13 -8.23 -3.24
N LEU A 221 -8.95 -8.30 -2.63
CA LEU A 221 -7.69 -8.15 -3.35
C LEU A 221 -7.23 -9.48 -3.94
N THR A 222 -6.47 -9.39 -5.03
CA THR A 222 -5.92 -10.55 -5.71
C THR A 222 -4.41 -10.50 -5.70
N ARG A 223 -3.78 -11.64 -5.40
CA ARG A 223 -2.33 -11.74 -5.45
C ARG A 223 -1.85 -11.81 -6.89
N VAL A 224 -0.77 -11.08 -7.18
CA VAL A 224 -0.18 -11.05 -8.51
C VAL A 224 1.24 -11.58 -8.40
N THR A 225 1.53 -12.65 -9.13
CA THR A 225 2.77 -13.40 -8.99
C THR A 225 3.63 -13.24 -10.25
N LYS A 226 4.91 -13.63 -10.11
CA LYS A 226 5.84 -13.54 -11.22
C LYS A 226 5.38 -14.34 -12.43
N SER A 227 4.65 -15.43 -12.20
CA SER A 227 4.09 -16.19 -13.31
C SER A 227 3.00 -15.40 -14.03
N ASP A 228 2.19 -14.64 -13.29
CA ASP A 228 1.23 -13.75 -13.92
C ASP A 228 1.93 -12.71 -14.77
N ALA A 229 3.06 -12.19 -14.30
CA ALA A 229 3.85 -11.25 -15.09
C ALA A 229 4.30 -11.88 -16.39
N VAL A 230 4.73 -13.13 -16.34
CA VAL A 230 5.09 -13.85 -17.58
C VAL A 230 3.86 -13.97 -18.47
N ASN A 231 2.72 -14.35 -17.90
CA ASN A 231 1.52 -14.54 -18.71
C ASN A 231 1.06 -13.22 -19.30
N TYR A 232 1.15 -12.12 -18.55
CA TYR A 232 0.83 -10.81 -19.11
C TYR A 232 1.77 -10.47 -20.26
N GLU A 233 3.08 -10.69 -20.06
CA GLU A 233 4.06 -10.28 -21.06
C GLU A 233 3.87 -11.02 -22.38
N LYS A 234 3.62 -12.32 -22.32
CA LYS A 234 3.45 -13.10 -23.54
C LYS A 234 2.10 -12.85 -24.21
N LYS A 235 1.03 -12.77 -23.41
CA LYS A 235 -0.29 -12.52 -23.99
C LYS A 235 -0.39 -11.15 -24.62
N MET A 236 0.18 -10.12 -23.97
CA MET A 236 0.14 -8.79 -24.55
C MET A 236 1.06 -8.67 -25.75
N TYR A 237 2.16 -9.44 -25.79
CA TYR A 237 3.03 -9.39 -26.96
C TYR A 237 2.36 -10.02 -28.17
N TYR A 238 1.65 -11.14 -27.97
CA TYR A 238 0.90 -11.73 -29.06
C TYR A 238 -0.18 -10.77 -29.54
N LEU A 239 -0.83 -10.06 -28.62
CA LEU A 239 -1.84 -9.08 -28.99
C LEU A 239 -1.23 -7.96 -29.83
N ASN A 240 -0.09 -7.43 -29.40
CA ASN A 240 0.49 -6.27 -30.07
C ASN A 240 1.19 -6.66 -31.37
N LYS A 241 1.84 -7.83 -31.41
CA LYS A 241 2.55 -8.23 -32.61
C LYS A 241 1.61 -8.83 -33.64
N ILE A 242 0.75 -9.77 -33.23
CA ILE A 242 -0.08 -10.49 -34.17
C ILE A 242 -1.45 -9.84 -34.32
N VAL A 243 -2.21 -9.75 -33.23
CA VAL A 243 -3.62 -9.42 -33.33
C VAL A 243 -3.84 -8.00 -33.82
N ARG A 244 -3.09 -7.03 -33.28
CA ARG A 244 -3.33 -5.64 -33.63
C ARG A 244 -2.83 -5.27 -35.02
N ASN A 245 -1.97 -6.10 -35.62
CA ASN A 245 -1.48 -5.86 -36.98
C ASN A 245 -2.29 -6.59 -38.03
N LYS A 246 -3.58 -6.84 -37.77
CA LYS A 246 -4.47 -7.52 -38.70
C LYS A 246 -5.46 -6.55 -39.31
N VAL A 247 -5.99 -6.93 -40.46
CA VAL A 247 -7.08 -6.22 -41.11
C VAL A 247 -8.31 -7.11 -41.05
N VAL A 248 -9.37 -6.61 -40.42
CA VAL A 248 -10.61 -7.38 -40.23
C VAL A 248 -11.44 -7.18 -41.49
N ILE A 249 -11.31 -8.11 -42.45
CA ILE A 249 -11.83 -7.90 -43.79
C ILE A 249 -13.35 -7.97 -43.83
N ASN A 250 -13.97 -8.72 -42.92
CA ASN A 250 -15.43 -8.75 -42.86
C ASN A 250 -16.02 -7.50 -42.24
N PHE A 251 -15.19 -6.66 -41.62
CA PHE A 251 -15.64 -5.51 -40.84
C PHE A 251 -16.08 -4.39 -41.77
N ASP A 252 -17.38 -4.06 -41.73
CA ASP A 252 -17.95 -2.99 -42.55
C ASP A 252 -17.67 -1.65 -41.87
N TYR A 253 -16.57 -1.02 -42.27
CA TYR A 253 -16.16 0.26 -41.72
C TYR A 253 -15.07 0.86 -42.62
N PRO A 254 -14.98 2.19 -42.71
CA PRO A 254 -13.98 2.79 -43.62
C PRO A 254 -12.56 2.38 -43.31
N ASN A 255 -12.25 2.07 -42.06
CA ASN A 255 -10.94 1.57 -41.66
C ASN A 255 -11.13 0.22 -40.98
N GLN A 256 -10.44 -0.81 -41.48
CA GLN A 256 -10.60 -2.17 -40.98
C GLN A 256 -9.40 -2.65 -40.17
N GLU A 257 -8.44 -1.78 -39.89
CA GLU A 257 -7.34 -2.18 -39.02
C GLU A 257 -7.90 -2.50 -37.63
N TYR A 258 -7.29 -3.50 -36.98
CA TYR A 258 -7.88 -4.07 -35.77
C TYR A 258 -8.19 -3.01 -34.73
N ASP A 259 -7.28 -2.05 -34.54
CA ASP A 259 -7.51 -1.00 -33.55
C ASP A 259 -8.79 -0.22 -33.81
N TYR A 260 -9.16 -0.05 -35.08
CA TYR A 260 -10.45 0.58 -35.38
C TYR A 260 -11.60 -0.37 -35.12
N PHE A 261 -11.44 -1.64 -35.48
CA PHE A 261 -12.41 -2.67 -35.10
C PHE A 261 -12.61 -2.71 -33.59
N HIS A 262 -11.50 -2.67 -32.84
CA HIS A 262 -11.57 -2.62 -31.39
C HIS A 262 -12.28 -1.36 -30.90
N MET A 263 -11.93 -0.20 -31.47
CA MET A 263 -12.56 1.05 -31.08
C MET A 263 -14.05 1.03 -31.38
N TYR A 264 -14.44 0.43 -32.50
CA TYR A 264 -15.84 0.38 -32.91
C TYR A 264 -16.69 -0.33 -31.86
N PHE A 265 -16.20 -1.44 -31.32
CA PHE A 265 -16.98 -2.21 -30.35
C PHE A 265 -17.06 -1.51 -29.00
N MET A 266 -16.09 -0.66 -28.68
CA MET A 266 -16.20 0.13 -27.45
C MET A 266 -17.21 1.26 -27.62
N LEU A 267 -17.19 1.92 -28.78
CA LEU A 267 -18.06 3.07 -29.01
C LEU A 267 -19.53 2.70 -29.10
N ARG A 268 -19.86 1.46 -29.45
CA ARG A 268 -21.26 1.07 -29.55
C ARG A 268 -21.93 0.96 -28.19
N THR A 269 -21.17 0.94 -27.11
CA THR A 269 -21.74 1.00 -25.77
C THR A 269 -22.04 2.43 -25.33
N VAL A 270 -21.69 3.42 -26.15
CA VAL A 270 -21.80 4.83 -25.82
C VAL A 270 -23.19 5.34 -26.20
N TYR A 271 -23.80 6.12 -25.32
CA TYR A 271 -25.13 6.67 -25.54
C TYR A 271 -25.05 7.99 -26.29
N CYS A 272 -26.12 8.29 -27.04
CA CYS A 272 -26.21 9.51 -27.82
C CYS A 272 -27.63 10.05 -27.79
N ASN A 273 -27.76 11.38 -27.67
CA ASN A 273 -29.08 11.99 -27.78
C ASN A 273 -29.58 11.99 -29.22
N LYS A 274 -28.67 12.01 -30.19
CA LYS A 274 -29.02 11.98 -31.59
C LYS A 274 -29.31 10.56 -32.04
N THR A 275 -30.27 10.42 -32.95
CA THR A 275 -30.66 9.13 -33.50
C THR A 275 -30.01 8.93 -34.86
N PHE A 276 -29.63 7.69 -35.15
CA PHE A 276 -28.94 7.36 -36.37
C PHE A 276 -29.66 6.22 -37.10
N PRO A 277 -29.64 6.23 -38.43
CA PRO A 277 -30.32 5.15 -39.17
C PRO A 277 -29.74 3.77 -38.92
N THR A 278 -28.44 3.68 -38.64
CA THR A 278 -27.77 2.41 -38.37
C THR A 278 -26.77 2.59 -37.24
N THR A 279 -26.33 1.47 -36.66
CA THR A 279 -25.27 1.51 -35.66
C THR A 279 -23.97 2.02 -36.25
N LYS A 280 -23.62 1.56 -37.46
CA LYS A 280 -22.39 2.02 -38.11
C LYS A 280 -22.39 3.54 -38.29
N ALA A 281 -23.56 4.11 -38.58
CA ALA A 281 -23.67 5.56 -38.69
C ALA A 281 -23.39 6.24 -37.36
N LYS A 282 -23.82 5.63 -36.25
CA LYS A 282 -23.55 6.20 -34.93
C LYS A 282 -22.06 6.18 -34.63
N ILE A 283 -21.42 5.02 -34.81
CA ILE A 283 -20.00 4.89 -34.47
C ILE A 283 -19.17 5.82 -35.35
N LEU A 284 -19.52 5.92 -36.63
CA LEU A 284 -18.83 6.83 -37.53
C LEU A 284 -18.95 8.27 -37.03
N PHE A 285 -20.15 8.67 -36.63
CA PHE A 285 -20.35 10.01 -36.09
C PHE A 285 -19.52 10.23 -34.83
N LEU A 286 -19.56 9.26 -33.91
CA LEU A 286 -18.81 9.40 -32.66
C LEU A 286 -17.31 9.48 -32.93
N GLN A 287 -16.79 8.61 -33.81
CA GLN A 287 -15.37 8.65 -34.12
C GLN A 287 -14.99 9.98 -34.77
N GLN A 288 -15.80 10.46 -35.71
CA GLN A 288 -15.57 11.77 -36.30
C GLN A 288 -15.50 12.83 -35.22
N SER A 289 -16.46 12.83 -34.32
CA SER A 289 -16.50 13.82 -33.25
C SER A 289 -15.28 13.71 -32.35
N ILE A 290 -14.92 12.50 -31.95
CA ILE A 290 -13.76 12.30 -31.08
C ILE A 290 -12.49 12.75 -31.79
N PHE A 291 -12.30 12.30 -33.03
CA PHE A 291 -11.11 12.66 -33.79
C PHE A 291 -11.04 14.17 -34.01
N ARG A 292 -12.17 14.79 -34.34
CA ARG A 292 -12.18 16.23 -34.59
C ARG A 292 -11.79 17.02 -33.34
N PHE A 293 -12.32 16.63 -32.19
CA PHE A 293 -11.94 17.31 -30.94
C PHE A 293 -10.46 17.10 -30.62
N LEU A 294 -9.97 15.88 -30.81
CA LEU A 294 -8.56 15.58 -30.55
C LEU A 294 -7.64 16.00 -31.68
N ASN A 295 -8.19 16.61 -32.74
CA ASN A 295 -7.42 17.13 -33.87
C ASN A 295 -6.69 16.03 -34.62
N ILE A 296 -7.33 14.89 -34.80
CA ILE A 296 -6.77 13.76 -35.53
C ILE A 296 -7.42 13.71 -36.91
N PRO A 297 -6.64 13.65 -38.00
CA PRO A 297 -7.18 13.50 -39.35
C PRO A 297 -7.94 12.18 -39.52
N ASP B 2 1.19 -22.71 36.65
CA ASP B 2 2.13 -23.01 37.74
C ASP B 2 2.68 -21.73 38.35
N VAL B 3 2.79 -21.71 39.68
CA VAL B 3 3.26 -20.53 40.39
C VAL B 3 4.79 -20.54 40.42
N VAL B 4 5.36 -19.35 40.64
CA VAL B 4 6.80 -19.18 40.67
C VAL B 4 7.11 -17.88 41.39
N SER B 5 8.33 -17.78 41.92
CA SER B 5 8.83 -16.55 42.53
C SER B 5 9.96 -16.00 41.67
N LEU B 6 9.83 -14.74 41.25
CA LEU B 6 10.82 -14.10 40.40
C LEU B 6 11.17 -12.72 40.94
N ASP B 7 12.44 -12.36 40.82
CA ASP B 7 12.87 -11.00 41.11
C ASP B 7 12.80 -10.09 39.89
N LYS B 8 12.83 -10.66 38.69
CA LYS B 8 12.76 -9.89 37.45
C LYS B 8 12.41 -10.83 36.32
N PRO B 9 11.70 -10.37 35.28
CA PRO B 9 11.43 -11.21 34.13
C PRO B 9 12.54 -11.14 33.10
N PHE B 10 12.44 -11.91 32.03
CA PHE B 10 13.46 -11.93 30.99
C PHE B 10 13.18 -10.80 30.01
N MET B 11 14.07 -9.80 29.99
CA MET B 11 13.88 -8.63 29.14
C MET B 11 14.51 -8.78 27.77
N TYR B 12 15.58 -9.58 27.65
CA TYR B 12 16.27 -9.77 26.39
C TYR B 12 16.52 -11.27 26.20
N PHE B 13 16.80 -11.64 24.95
CA PHE B 13 16.93 -13.05 24.60
C PHE B 13 18.09 -13.72 25.32
N GLU B 14 19.17 -12.97 25.59
CA GLU B 14 20.35 -13.55 26.22
C GLU B 14 20.07 -14.05 27.63
N GLU B 15 19.04 -13.54 28.28
CA GLU B 15 18.75 -13.88 29.68
C GLU B 15 18.03 -15.22 29.83
N ILE B 16 17.49 -15.79 28.75
CA ILE B 16 16.82 -17.07 28.82
C ILE B 16 17.84 -18.15 29.15
N ASP B 17 17.61 -18.87 30.25
CA ASP B 17 18.63 -19.75 30.84
C ASP B 17 18.28 -21.23 30.72
N ASN B 18 17.39 -21.58 29.80
CA ASN B 18 17.04 -22.98 29.58
C ASN B 18 16.40 -23.12 28.21
N GLU B 19 16.24 -24.37 27.77
CA GLU B 19 15.66 -24.66 26.46
C GLU B 19 14.72 -25.84 26.57
N LEU B 20 13.88 -25.99 25.56
CA LEU B 20 12.91 -27.08 25.50
C LEU B 20 12.69 -27.47 24.05
N ASP B 21 12.61 -28.78 23.81
CA ASP B 21 12.41 -29.28 22.45
C ASP B 21 11.07 -28.80 21.90
N TYR B 22 11.12 -28.11 20.77
CA TYR B 22 9.92 -27.55 20.18
C TYR B 22 8.96 -28.66 19.74
N GLU B 23 7.67 -28.43 19.94
CA GLU B 23 6.65 -29.39 19.56
C GLU B 23 5.50 -28.71 18.83
N LYS B 33 -5.47 -14.52 22.29
CA LYS B 33 -6.41 -14.48 23.41
C LYS B 33 -7.00 -13.08 23.59
N LEU B 34 -6.14 -12.11 23.85
CA LEU B 34 -6.58 -10.75 24.13
C LEU B 34 -6.99 -10.02 22.85
N PRO B 35 -7.85 -9.01 22.97
CA PRO B 35 -8.21 -8.20 21.79
C PRO B 35 -7.15 -7.16 21.48
N TYR B 36 -6.90 -6.96 20.19
CA TYR B 36 -5.90 -6.00 19.71
C TYR B 36 -4.54 -6.25 20.35
N GLN B 37 -4.23 -7.53 20.57
CA GLN B 37 -3.00 -7.89 21.26
C GLN B 37 -1.77 -7.52 20.45
N GLY B 38 -1.86 -7.57 19.12
CA GLY B 38 -0.74 -7.17 18.29
C GLY B 38 -0.39 -5.71 18.46
N GLN B 39 -1.41 -4.83 18.49
CA GLN B 39 -1.16 -3.42 18.73
C GLN B 39 -0.60 -3.17 20.13
N LEU B 40 -1.04 -3.96 21.11
CA LEU B 40 -0.45 -3.87 22.44
C LEU B 40 1.01 -4.32 22.44
N LYS B 41 1.31 -5.40 21.71
CA LYS B 41 2.68 -5.89 21.64
C LYS B 41 3.62 -4.84 21.07
N LEU B 42 3.23 -4.23 19.94
CA LEU B 42 4.07 -3.20 19.33
C LEU B 42 4.18 -1.97 20.23
N LEU B 43 3.06 -1.54 20.80
CA LEU B 43 3.06 -0.32 21.61
C LEU B 43 3.98 -0.46 22.82
N LEU B 44 3.92 -1.59 23.51
CA LEU B 44 4.77 -1.81 24.67
C LEU B 44 6.25 -1.80 24.29
N GLY B 45 6.61 -2.52 23.22
CA GLY B 45 8.00 -2.58 22.81
C GLY B 45 8.52 -1.24 22.30
N GLU B 46 7.71 -0.54 21.51
CA GLU B 46 8.15 0.73 20.95
C GLU B 46 8.22 1.83 22.00
N LEU B 47 7.31 1.80 23.00
CA LEU B 47 7.42 2.74 24.12
C LEU B 47 8.65 2.44 24.95
N PHE B 48 8.96 1.15 25.16
CA PHE B 48 10.19 0.78 25.86
C PHE B 48 11.41 1.23 25.07
N PHE B 49 11.40 1.02 23.76
CA PHE B 49 12.54 1.38 22.93
C PHE B 49 12.72 2.89 22.88
N LEU B 50 11.63 3.63 22.67
CA LEU B 50 11.73 5.09 22.58
C LEU B 50 12.06 5.71 23.93
N SER B 51 11.46 5.22 25.02
CA SER B 51 11.75 5.76 26.34
C SER B 51 13.21 5.58 26.70
N LYS B 52 13.84 4.49 26.26
CA LYS B 52 15.27 4.31 26.46
C LYS B 52 16.06 5.35 25.68
N LEU B 53 15.56 5.79 24.52
CA LEU B 53 16.24 6.83 23.75
C LEU B 53 16.07 8.19 24.40
N GLN B 54 14.87 8.51 24.89
CA GLN B 54 14.68 9.72 25.68
C GLN B 54 15.60 9.74 26.88
N ARG B 55 15.86 8.56 27.46
CA ARG B 55 16.72 8.42 28.61
C ARG B 55 18.19 8.64 28.26
N HIS B 56 18.58 8.33 27.03
CA HIS B 56 19.91 8.65 26.52
C HIS B 56 19.98 10.05 25.91
N GLY B 57 18.88 10.80 25.94
CA GLY B 57 18.90 12.17 25.46
C GLY B 57 19.06 12.31 23.97
N ILE B 58 18.68 11.30 23.19
CA ILE B 58 18.82 11.32 21.74
C ILE B 58 17.49 11.28 21.01
N LEU B 59 16.38 11.22 21.74
CA LEU B 59 15.05 11.18 21.12
C LEU B 59 14.54 12.57 20.77
N ASP B 60 14.73 13.54 21.66
CA ASP B 60 14.19 14.88 21.47
C ASP B 60 14.74 15.51 20.20
N GLY B 61 13.83 15.93 19.32
CA GLY B 61 14.19 16.64 18.11
C GLY B 61 14.40 15.78 16.88
N ALA B 62 14.43 14.46 17.02
CA ALA B 62 14.68 13.58 15.89
C ALA B 62 13.39 13.28 15.13
N THR B 63 13.55 12.68 13.95
CA THR B 63 12.43 12.19 13.16
C THR B 63 12.42 10.67 13.24
N VAL B 64 11.28 10.11 13.62
CA VAL B 64 11.12 8.66 13.71
C VAL B 64 10.58 8.18 12.37
N VAL B 65 11.39 7.42 11.64
CA VAL B 65 11.00 6.84 10.37
C VAL B 65 10.52 5.43 10.64
N TYR B 66 9.22 5.24 10.59
CA TYR B 66 8.57 3.97 10.89
C TYR B 66 8.12 3.34 9.57
N ILE B 67 8.82 2.29 9.15
CA ILE B 67 8.55 1.63 7.88
C ILE B 67 7.77 0.35 8.15
N GLY B 68 6.68 0.15 7.42
CA GLY B 68 5.75 -0.90 7.75
C GLY B 68 4.92 -0.48 8.95
N SER B 69 4.38 0.73 8.90
CA SER B 69 3.66 1.31 10.02
C SER B 69 2.17 1.01 10.00
N ALA B 70 1.58 0.80 8.82
CA ALA B 70 0.14 0.63 8.75
C ALA B 70 -0.26 -0.73 9.32
N PRO B 71 -1.43 -0.81 9.99
CA PRO B 71 -2.39 0.28 10.26
C PRO B 71 -1.86 1.24 11.31
N GLY B 72 -1.06 0.75 12.25
CA GLY B 72 -0.41 1.60 13.23
C GLY B 72 -1.34 2.32 14.18
N THR B 73 -2.41 1.65 14.62
CA THR B 73 -3.33 2.27 15.58
C THR B 73 -2.60 2.67 16.85
N HIS B 74 -1.66 1.84 17.31
CA HIS B 74 -0.93 2.12 18.55
C HIS B 74 -0.02 3.34 18.44
N ILE B 75 0.39 3.71 17.23
CA ILE B 75 1.35 4.81 17.07
C ILE B 75 0.73 6.13 17.56
N ARG B 76 -0.60 6.23 17.53
CA ARG B 76 -1.26 7.43 18.06
C ARG B 76 -0.98 7.59 19.54
N TYR B 77 -1.03 6.50 20.31
CA TYR B 77 -0.70 6.59 21.73
C TYR B 77 0.76 6.98 21.93
N LEU B 78 1.66 6.40 21.13
CA LEU B 78 3.07 6.78 21.20
C LEU B 78 3.25 8.28 20.98
N ARG B 79 2.69 8.78 19.88
CA ARG B 79 2.86 10.20 19.55
C ARG B 79 2.26 11.08 20.63
N ASP B 80 1.05 10.76 21.09
CA ASP B 80 0.42 11.56 22.14
C ASP B 80 1.23 11.51 23.42
N HIS B 81 1.81 10.35 23.74
CA HIS B 81 2.56 10.20 24.99
C HIS B 81 3.75 11.15 25.04
N PHE B 82 4.59 11.13 24.01
CA PHE B 82 5.80 11.95 24.01
C PHE B 82 5.48 13.41 23.73
N TYR B 83 4.45 13.68 22.93
CA TYR B 83 4.03 15.07 22.73
C TYR B 83 3.59 15.71 24.03
N ASN B 84 2.78 15.00 24.81
CA ASN B 84 2.33 15.52 26.09
C ASN B 84 3.46 15.69 27.09
N LEU B 85 4.58 14.99 26.89
CA LEU B 85 5.77 15.19 27.70
C LEU B 85 6.64 16.35 27.23
N GLY B 86 6.28 17.00 26.13
CA GLY B 86 7.08 18.07 25.60
C GLY B 86 8.29 17.64 24.79
N VAL B 87 8.30 16.41 24.29
CA VAL B 87 9.39 15.91 23.47
C VAL B 87 9.09 16.18 22.01
N ILE B 88 10.02 16.82 21.31
CA ILE B 88 9.82 17.18 19.92
C ILE B 88 10.16 15.95 19.07
N ILE B 89 9.12 15.28 18.55
CA ILE B 89 9.29 14.14 17.67
C ILE B 89 8.45 14.35 16.43
N LYS B 90 9.08 14.23 15.26
CA LYS B 90 8.37 14.21 13.98
C LYS B 90 8.25 12.76 13.52
N TRP B 91 7.06 12.38 13.10
CA TRP B 91 6.76 11.00 12.73
C TRP B 91 6.59 10.90 11.22
N MET B 92 7.31 9.95 10.61
CA MET B 92 7.19 9.65 9.19
C MET B 92 6.80 8.18 9.09
N LEU B 93 5.53 7.92 8.82
CA LEU B 93 4.99 6.56 8.75
C LEU B 93 4.89 6.15 7.29
N ILE B 94 5.66 5.14 6.90
CA ILE B 94 5.76 4.70 5.52
C ILE B 94 5.25 3.27 5.42
N ASP B 95 4.27 3.05 4.54
CA ASP B 95 3.71 1.73 4.30
C ASP B 95 3.00 1.75 2.94
N GLY B 96 2.70 0.55 2.45
CA GLY B 96 1.97 0.42 1.21
C GLY B 96 0.47 0.40 1.42
N ARG B 97 0.06 0.11 2.65
CA ARG B 97 -1.34 0.16 3.05
C ARG B 97 -1.62 1.47 3.78
N HIS B 98 -2.90 1.76 3.95
CA HIS B 98 -3.33 2.98 4.62
C HIS B 98 -3.36 2.79 6.12
N HIS B 99 -3.11 3.86 6.86
CA HIS B 99 -3.00 3.81 8.30
C HIS B 99 -4.36 4.03 8.97
N ASP B 100 -4.39 3.77 10.27
CA ASP B 100 -5.61 3.93 11.05
C ASP B 100 -6.09 5.38 10.98
N PRO B 101 -7.39 5.61 10.80
CA PRO B 101 -7.90 7.01 10.76
C PRO B 101 -7.59 7.82 12.01
N ILE B 102 -7.26 7.16 13.14
CA ILE B 102 -6.89 7.89 14.36
C ILE B 102 -5.54 8.56 14.22
N LEU B 103 -4.84 8.41 13.07
CA LEU B 103 -3.61 9.14 12.79
C LEU B 103 -3.79 10.36 11.90
N ASN B 104 -4.99 10.59 11.39
CA ASN B 104 -5.26 11.73 10.54
C ASN B 104 -5.44 12.99 11.36
N GLY B 105 -5.27 14.13 10.71
CA GLY B 105 -5.26 15.42 11.38
C GLY B 105 -4.05 15.66 12.25
N LEU B 106 -3.24 14.64 12.53
CA LEU B 106 -2.00 14.83 13.24
C LEU B 106 -0.94 15.36 12.29
N ARG B 107 -0.30 16.45 12.68
CA ARG B 107 0.57 17.18 11.75
C ARG B 107 2.05 16.89 11.95
N ASP B 108 2.48 16.57 13.18
CA ASP B 108 3.82 16.03 13.35
C ASP B 108 3.95 14.63 12.77
N VAL B 109 2.86 14.05 12.27
CA VAL B 109 2.82 12.70 11.72
C VAL B 109 2.54 12.82 10.23
N THR B 110 3.50 12.45 9.41
CA THR B 110 3.35 12.42 7.96
C THR B 110 3.12 10.99 7.51
N LEU B 111 2.04 10.76 6.76
CA LEU B 111 1.68 9.44 6.27
C LEU B 111 2.14 9.31 4.82
N VAL B 112 3.01 8.35 4.56
CA VAL B 112 3.59 8.15 3.24
C VAL B 112 3.12 6.81 2.70
N THR B 113 2.49 6.83 1.53
CA THR B 113 2.14 5.61 0.81
C THR B 113 3.28 5.28 -0.14
N ARG B 114 4.06 4.26 0.19
CA ARG B 114 5.20 3.91 -0.63
C ARG B 114 5.66 2.50 -0.32
N PHE B 115 6.18 1.83 -1.35
CA PHE B 115 6.90 0.57 -1.21
C PHE B 115 8.38 0.93 -1.20
N VAL B 116 9.00 0.92 -0.02
CA VAL B 116 10.35 1.44 0.09
C VAL B 116 11.34 0.46 -0.54
N ASP B 117 12.27 1.01 -1.32
CA ASP B 117 13.43 0.26 -1.78
C ASP B 117 14.67 1.08 -1.47
N GLU B 118 15.82 0.64 -1.98
CA GLU B 118 17.06 1.38 -1.72
C GLU B 118 16.99 2.79 -2.28
N GLU B 119 16.43 2.95 -3.48
CA GLU B 119 16.37 4.27 -4.11
C GLU B 119 15.53 5.23 -3.28
N TYR B 120 14.38 4.78 -2.78
CA TYR B 120 13.53 5.66 -1.97
C TYR B 120 14.19 5.99 -0.65
N LEU B 121 14.94 5.07 -0.07
CA LEU B 121 15.64 5.35 1.18
C LEU B 121 16.64 6.49 1.01
N ARG B 122 17.35 6.52 -0.11
CA ARG B 122 18.30 7.59 -0.34
C ARG B 122 17.60 8.93 -0.49
N SER B 123 16.40 8.95 -1.05
CA SER B 123 15.68 10.22 -1.22
C SER B 123 15.12 10.73 0.10
N ILE B 124 14.71 9.84 1.01
CA ILE B 124 14.20 10.32 2.30
C ILE B 124 15.35 10.65 3.25
N LYS B 125 16.48 9.94 3.14
CA LYS B 125 17.66 10.34 3.91
C LYS B 125 18.05 11.77 3.60
N LYS B 126 17.79 12.22 2.37
CA LYS B 126 18.22 13.52 1.87
C LYS B 126 17.24 14.64 2.21
N GLN B 127 15.94 14.38 2.12
CA GLN B 127 14.96 15.40 2.49
C GLN B 127 14.87 15.59 4.00
N LEU B 128 15.30 14.61 4.78
CA LEU B 128 15.28 14.70 6.24
C LEU B 128 16.52 15.35 6.82
N HIS B 129 17.55 15.58 6.02
CA HIS B 129 18.72 16.31 6.51
C HIS B 129 18.30 17.73 6.90
N PRO B 130 18.78 18.25 8.04
CA PRO B 130 19.80 17.72 8.95
C PRO B 130 19.24 16.94 10.14
N SER B 131 18.01 16.42 10.07
CA SER B 131 17.36 15.86 11.24
C SER B 131 17.94 14.51 11.62
N LYS B 132 18.12 14.30 12.91
CA LYS B 132 18.44 12.97 13.42
C LYS B 132 17.32 12.01 13.08
N ILE B 133 17.67 10.76 12.79
CA ILE B 133 16.72 9.76 12.33
C ILE B 133 16.68 8.61 13.33
N ILE B 134 15.47 8.21 13.72
CA ILE B 134 15.25 7.01 14.49
C ILE B 134 14.40 6.07 13.64
N LEU B 135 14.93 4.88 13.37
CA LEU B 135 14.30 3.94 12.46
C LEU B 135 13.55 2.89 13.25
N ILE B 136 12.30 2.64 12.85
CA ILE B 136 11.49 1.55 13.38
C ILE B 136 10.95 0.78 12.19
N SER B 137 11.27 -0.50 12.11
CA SER B 137 10.88 -1.35 11.00
C SER B 137 10.01 -2.50 11.50
N ASP B 138 8.85 -2.67 10.88
CA ASP B 138 7.98 -3.82 11.11
C ASP B 138 7.49 -4.37 9.78
N VAL B 139 8.37 -4.37 8.79
CA VAL B 139 7.98 -4.75 7.44
C VAL B 139 7.74 -6.26 7.37
N ARG B 140 6.68 -6.64 6.65
CA ARG B 140 6.27 -8.03 6.52
C ARG B 140 5.17 -8.13 5.49
N SER B 141 5.11 -9.27 4.79
CA SER B 141 4.04 -9.53 3.83
C SER B 141 3.51 -10.95 4.00
N GLU B 147 2.17 -17.71 7.47
CA GLU B 147 3.57 -17.58 7.87
C GLU B 147 4.46 -17.31 6.65
N PRO B 148 5.49 -16.50 6.85
CA PRO B 148 6.40 -16.18 5.74
C PRO B 148 7.46 -17.26 5.54
N SER B 149 7.89 -17.40 4.29
CA SER B 149 8.95 -18.33 3.96
C SER B 149 10.30 -17.74 4.36
N THR B 150 11.29 -18.63 4.51
CA THR B 150 12.63 -18.18 4.88
C THR B 150 13.21 -17.23 3.83
N ALA B 151 12.90 -17.46 2.55
CA ALA B 151 13.34 -16.52 1.52
C ALA B 151 12.72 -15.15 1.73
N ASP B 152 11.47 -15.09 2.19
CA ASP B 152 10.84 -13.81 2.47
C ASP B 152 11.53 -13.09 3.63
N LEU B 153 11.83 -13.82 4.71
CA LEU B 153 12.51 -13.22 5.84
C LEU B 153 13.87 -12.66 5.43
N LEU B 154 14.61 -13.42 4.62
CA LEU B 154 15.92 -12.96 4.17
C LEU B 154 15.81 -11.67 3.37
N SER B 155 14.79 -11.55 2.52
CA SER B 155 14.55 -10.30 1.82
C SER B 155 14.22 -9.19 2.79
N ASN B 156 13.40 -9.48 3.80
CA ASN B 156 13.07 -8.46 4.81
C ASN B 156 14.32 -8.00 5.56
N TYR B 157 15.11 -8.95 6.07
CA TYR B 157 16.29 -8.60 6.84
C TYR B 157 17.36 -7.95 5.97
N ALA B 158 17.44 -8.34 4.70
CA ALA B 158 18.32 -7.62 3.78
C ALA B 158 17.88 -6.17 3.66
N LEU B 159 16.58 -5.93 3.53
CA LEU B 159 16.08 -4.56 3.41
C LEU B 159 16.36 -3.75 4.66
N GLN B 160 16.20 -4.37 5.84
CA GLN B 160 16.38 -3.63 7.09
C GLN B 160 17.82 -3.18 7.28
N ASN B 161 18.78 -4.01 6.86
CA ASN B 161 20.18 -3.58 6.88
C ASN B 161 20.39 -2.39 5.94
N VAL B 162 19.75 -2.42 4.77
CA VAL B 162 19.84 -1.30 3.83
C VAL B 162 19.22 -0.05 4.42
N MET B 163 18.17 -0.19 5.22
CA MET B 163 17.58 0.96 5.89
C MET B 163 18.60 1.63 6.80
N ILE B 164 19.37 0.85 7.56
CA ILE B 164 20.29 1.41 8.54
C ILE B 164 21.52 2.00 7.85
N SER B 165 22.09 1.30 6.87
CA SER B 165 23.31 1.80 6.23
C SER B 165 23.02 3.08 5.44
N ILE B 166 21.83 3.23 4.90
CA ILE B 166 21.48 4.42 4.12
C ILE B 166 20.99 5.55 5.02
N LEU B 167 20.03 5.27 5.91
CA LEU B 167 19.47 6.34 6.73
C LEU B 167 20.43 6.81 7.82
N ASN B 168 21.45 6.02 8.15
CA ASN B 168 22.38 6.29 9.23
C ASN B 168 21.63 6.74 10.49
N PRO B 169 20.72 5.92 11.01
CA PRO B 169 19.93 6.36 12.16
C PRO B 169 20.77 6.37 13.43
N VAL B 170 20.35 7.22 14.38
CA VAL B 170 21.02 7.23 15.67
C VAL B 170 20.65 6.00 16.49
N ALA B 171 19.47 5.44 16.23
CA ALA B 171 19.04 4.21 16.87
C ALA B 171 18.06 3.52 15.94
N SER B 172 17.80 2.24 16.20
CA SER B 172 16.90 1.49 15.34
C SER B 172 16.24 0.36 16.13
N SER B 173 15.02 0.04 15.74
CA SER B 173 14.28 -1.11 16.28
C SER B 173 13.82 -1.95 15.10
N LEU B 174 14.32 -3.17 15.00
CA LEU B 174 14.06 -4.03 13.86
C LEU B 174 13.24 -5.25 14.28
N LYS B 175 12.26 -5.59 13.46
CA LYS B 175 11.59 -6.88 13.57
C LYS B 175 12.62 -7.99 13.38
N TRP B 176 12.62 -8.96 14.30
CA TRP B 176 13.65 -10.00 14.26
C TRP B 176 13.06 -11.33 14.73
N ARG B 177 12.72 -12.20 13.78
CA ARG B 177 12.46 -13.60 14.06
C ARG B 177 13.39 -14.44 13.19
N CYS B 178 14.18 -15.29 13.83
CA CYS B 178 15.09 -16.15 13.07
C CYS B 178 14.29 -17.17 12.26
N PRO B 179 14.72 -17.47 11.04
CA PRO B 179 14.08 -18.56 10.30
C PRO B 179 14.25 -19.88 11.03
N PHE B 180 13.27 -20.76 10.86
CA PHE B 180 13.32 -22.05 11.53
C PHE B 180 14.47 -22.88 10.99
N PRO B 181 15.23 -23.55 11.86
CA PRO B 181 16.41 -24.30 11.39
C PRO B 181 16.08 -25.39 10.38
N ASP B 182 14.91 -26.01 10.49
CA ASP B 182 14.50 -26.99 9.50
C ASP B 182 14.07 -26.37 8.18
N GLN B 183 13.91 -25.04 8.15
CA GLN B 183 13.67 -24.31 6.91
C GLN B 183 14.88 -23.45 6.53
N TRP B 184 16.07 -23.86 6.97
CA TRP B 184 17.27 -23.08 6.73
C TRP B 184 17.59 -23.07 5.24
N ILE B 185 18.17 -21.95 4.79
CA ILE B 185 18.55 -21.78 3.39
C ILE B 185 20.02 -21.37 3.32
N LYS B 186 20.37 -20.32 4.05
CA LYS B 186 21.67 -19.68 3.89
C LYS B 186 21.93 -18.79 5.10
N ASP B 187 23.20 -18.68 5.47
CA ASP B 187 23.58 -17.76 6.53
C ASP B 187 23.36 -16.32 6.09
N PHE B 188 22.97 -15.48 7.04
CA PHE B 188 22.70 -14.08 6.77
C PHE B 188 23.17 -13.24 7.95
N TYR B 189 23.31 -11.94 7.69
CA TYR B 189 23.84 -11.00 8.67
C TYR B 189 22.76 -10.03 9.10
N ILE B 190 22.68 -9.78 10.41
CA ILE B 190 21.76 -8.80 10.97
C ILE B 190 22.56 -7.85 11.85
N PRO B 191 22.06 -6.65 12.10
CA PRO B 191 22.83 -5.67 12.88
C PRO B 191 23.05 -6.14 14.32
N HIS B 192 24.14 -5.65 14.90
CA HIS B 192 24.38 -5.86 16.32
C HIS B 192 23.37 -5.08 17.15
N GLY B 193 22.97 -5.66 18.27
CA GLY B 193 22.03 -4.99 19.15
C GLY B 193 21.44 -5.95 20.15
N ASN B 194 20.63 -5.39 21.04
CA ASN B 194 19.94 -6.17 22.07
C ASN B 194 18.62 -6.68 21.52
N LYS B 195 18.32 -7.95 21.82
CA LYS B 195 17.14 -8.63 21.29
C LYS B 195 16.05 -8.57 22.35
N MET B 196 15.23 -7.53 22.28
CA MET B 196 14.19 -7.31 23.28
C MET B 196 13.07 -8.33 23.13
N LEU B 197 12.66 -8.92 24.25
CA LEU B 197 11.55 -9.86 24.25
C LEU B 197 10.24 -9.10 24.37
N GLN B 198 9.20 -9.61 23.69
CA GLN B 198 7.94 -8.90 23.57
C GLN B 198 6.86 -9.58 24.41
N PRO B 199 6.34 -8.92 25.45
CA PRO B 199 5.17 -9.44 26.14
C PRO B 199 3.93 -9.36 25.23
N PHE B 200 2.98 -10.25 25.51
CA PHE B 200 1.73 -10.33 24.77
C PHE B 200 1.94 -10.63 23.29
N ALA B 201 3.08 -11.22 22.96
CA ALA B 201 3.28 -11.76 21.63
C ALA B 201 2.39 -12.99 21.45
N PRO B 202 2.17 -13.42 20.20
CA PRO B 202 1.46 -14.70 19.99
C PRO B 202 1.99 -15.82 20.86
N SER B 203 1.16 -16.82 21.13
CA SER B 203 1.45 -17.78 22.20
C SER B 203 2.81 -18.45 22.01
N TYR B 204 3.15 -18.80 20.78
CA TYR B 204 4.41 -19.48 20.50
C TYR B 204 5.19 -18.78 19.40
N SER B 205 5.17 -17.44 19.41
CA SER B 205 5.94 -16.67 18.45
C SER B 205 7.38 -16.53 18.91
N ALA B 206 8.31 -16.69 17.96
CA ALA B 206 9.74 -16.54 18.22
C ALA B 206 10.24 -15.14 17.91
N GLU B 207 9.34 -14.20 17.67
CA GLU B 207 9.72 -12.86 17.24
C GLU B 207 10.21 -12.01 18.42
N MET B 208 11.25 -11.23 18.17
CA MET B 208 11.76 -10.25 19.12
C MET B 208 12.14 -8.98 18.35
N ARG B 209 12.46 -7.93 19.07
CA ARG B 209 12.83 -6.65 18.46
C ARG B 209 14.31 -6.38 18.70
N LEU B 210 15.02 -6.10 17.61
CA LEU B 210 16.47 -5.90 17.66
C LEU B 210 16.76 -4.41 17.85
N LEU B 211 17.09 -4.03 19.08
CA LEU B 211 17.30 -2.63 19.43
C LEU B 211 18.79 -2.30 19.37
N SER B 212 19.12 -1.18 18.75
CA SER B 212 20.51 -0.81 18.51
C SER B 212 20.67 0.70 18.66
N ILE B 213 21.76 1.11 19.31
CA ILE B 213 22.14 2.51 19.42
C ILE B 213 23.54 2.66 18.82
N TYR B 214 23.69 3.63 17.92
CA TYR B 214 24.89 3.72 17.09
C TYR B 214 25.81 4.87 17.49
N MET B 219 27.78 0.96 12.49
CA MET B 219 26.97 -0.25 12.57
C MET B 219 27.82 -1.50 12.37
N ARG B 220 27.59 -2.49 13.21
CA ARG B 220 28.29 -3.77 13.14
C ARG B 220 27.29 -4.87 12.81
N LEU B 221 27.59 -5.66 11.78
CA LEU B 221 26.77 -6.81 11.43
C LEU B 221 27.30 -8.06 12.13
N THR B 222 26.41 -9.02 12.35
CA THR B 222 26.77 -10.29 12.97
C THR B 222 26.17 -11.42 12.14
N ARG B 223 26.91 -12.53 12.08
CA ARG B 223 26.46 -13.69 11.32
C ARG B 223 25.38 -14.43 12.08
N VAL B 224 24.40 -14.96 11.35
CA VAL B 224 23.36 -15.82 11.89
C VAL B 224 23.50 -17.18 11.24
N THR B 225 23.73 -18.21 12.05
CA THR B 225 24.01 -19.56 11.58
C THR B 225 22.82 -20.48 11.89
N LYS B 226 22.84 -21.66 11.26
CA LYS B 226 21.79 -22.63 11.50
C LYS B 226 21.78 -23.09 12.96
N SER B 227 22.96 -23.17 13.59
CA SER B 227 23.00 -23.50 15.01
C SER B 227 22.39 -22.39 15.86
N ASP B 228 22.49 -21.14 15.41
CA ASP B 228 21.77 -20.06 16.08
C ASP B 228 20.26 -20.26 15.98
N ALA B 229 19.79 -20.67 14.80
CA ALA B 229 18.35 -20.89 14.62
C ALA B 229 17.84 -22.00 15.53
N VAL B 230 18.60 -23.08 15.67
CA VAL B 230 18.24 -24.13 16.62
C VAL B 230 18.17 -23.56 18.03
N ASN B 231 19.18 -22.77 18.40
CA ASN B 231 19.18 -22.15 19.73
C ASN B 231 18.01 -21.20 19.90
N TYR B 232 17.72 -20.38 18.89
CA TYR B 232 16.58 -19.47 18.97
C TYR B 232 15.28 -20.23 19.21
N GLU B 233 15.02 -21.26 18.39
CA GLU B 233 13.75 -21.97 18.46
C GLU B 233 13.59 -22.66 19.82
N LYS B 234 14.65 -23.30 20.32
CA LYS B 234 14.56 -23.98 21.61
C LYS B 234 14.36 -22.98 22.75
N LYS B 235 15.21 -21.95 22.80
CA LYS B 235 15.12 -20.99 23.90
C LYS B 235 13.79 -20.25 23.89
N MET B 236 13.23 -19.99 22.70
CA MET B 236 11.93 -19.32 22.62
C MET B 236 10.77 -20.26 22.90
N TYR B 237 10.93 -21.56 22.60
CA TYR B 237 9.88 -22.51 22.97
C TYR B 237 9.85 -22.70 24.49
N TYR B 238 11.02 -22.75 25.12
CA TYR B 238 11.07 -22.79 26.58
C TYR B 238 10.42 -21.56 27.18
N LEU B 239 10.62 -20.40 26.55
CA LEU B 239 9.97 -19.18 27.01
C LEU B 239 8.46 -19.25 26.80
N ASN B 240 8.03 -19.67 25.61
CA ASN B 240 6.60 -19.68 25.29
C ASN B 240 5.86 -20.79 26.03
N LYS B 241 6.42 -22.00 26.06
CA LYS B 241 5.69 -23.14 26.61
C LYS B 241 5.64 -23.09 28.14
N ILE B 242 6.74 -22.72 28.78
CA ILE B 242 6.90 -22.87 30.23
C ILE B 242 6.88 -21.52 30.93
N VAL B 243 7.82 -20.64 30.61
CA VAL B 243 8.03 -19.42 31.39
C VAL B 243 6.80 -18.51 31.32
N ARG B 244 6.22 -18.35 30.14
CA ARG B 244 5.10 -17.44 29.98
C ARG B 244 3.79 -17.98 30.56
N ASN B 245 3.74 -19.25 30.93
CA ASN B 245 2.56 -19.86 31.53
C ASN B 245 2.64 -19.87 33.05
N LYS B 246 3.61 -19.19 33.63
CA LYS B 246 3.76 -19.11 35.08
C LYS B 246 2.98 -17.93 35.64
N VAL B 247 2.75 -17.98 36.96
CA VAL B 247 2.15 -16.88 37.70
C VAL B 247 3.17 -16.43 38.73
N VAL B 248 3.70 -15.23 38.56
CA VAL B 248 4.67 -14.71 39.52
C VAL B 248 3.93 -14.38 40.80
N ILE B 249 4.15 -15.19 41.84
CA ILE B 249 3.30 -15.16 43.02
C ILE B 249 3.75 -14.12 44.05
N ASN B 250 5.01 -13.67 43.99
CA ASN B 250 5.48 -12.55 44.80
C ASN B 250 5.27 -11.21 44.11
N PHE B 251 4.64 -11.21 42.94
CA PHE B 251 4.43 -10.00 42.17
C PHE B 251 3.25 -9.20 42.73
N ASP B 252 3.52 -7.98 43.18
CA ASP B 252 2.49 -7.11 43.76
C ASP B 252 1.78 -6.39 42.62
N TYR B 253 0.66 -6.96 42.17
CA TYR B 253 -0.09 -6.42 41.05
C TYR B 253 -1.44 -7.10 40.91
N PRO B 254 -2.45 -6.41 40.36
CA PRO B 254 -3.75 -7.06 40.17
C PRO B 254 -3.71 -8.29 39.27
N ASN B 255 -2.71 -8.40 38.38
CA ASN B 255 -2.54 -9.58 37.56
C ASN B 255 -1.10 -10.06 37.68
N GLN B 256 -0.93 -11.33 38.02
CA GLN B 256 0.38 -11.90 38.31
C GLN B 256 0.88 -12.83 37.21
N GLU B 257 0.21 -12.88 36.07
CA GLU B 257 0.68 -13.68 34.95
C GLU B 257 1.98 -13.09 34.40
N TYR B 258 2.76 -13.93 33.73
CA TYR B 258 4.13 -13.55 33.38
C TYR B 258 4.18 -12.33 32.46
N ASP B 259 3.29 -12.27 31.47
CA ASP B 259 3.31 -11.16 30.53
C ASP B 259 3.10 -9.82 31.24
N TYR B 260 2.14 -9.78 32.17
CA TYR B 260 1.95 -8.56 32.96
C TYR B 260 3.16 -8.27 33.83
N PHE B 261 3.77 -9.31 34.42
CA PHE B 261 5.04 -9.14 35.11
C PHE B 261 6.11 -8.64 34.16
N HIS B 262 6.15 -9.19 32.94
CA HIS B 262 7.03 -8.68 31.90
C HIS B 262 6.67 -7.24 31.55
N MET B 263 5.38 -6.98 31.33
CA MET B 263 4.93 -5.63 30.98
C MET B 263 5.24 -4.64 32.10
N TYR B 264 5.10 -5.07 33.35
CA TYR B 264 5.37 -4.19 34.49
C TYR B 264 6.79 -3.63 34.43
N PHE B 265 7.77 -4.49 34.12
CA PHE B 265 9.16 -4.06 34.12
C PHE B 265 9.51 -3.20 32.91
N MET B 266 8.78 -3.32 31.80
CA MET B 266 8.98 -2.39 30.69
C MET B 266 8.38 -1.02 31.01
N LEU B 267 7.18 -1.00 31.57
CA LEU B 267 6.46 0.26 31.77
C LEU B 267 7.13 1.16 32.79
N ARG B 268 7.88 0.58 33.75
CA ARG B 268 8.54 1.39 34.77
C ARG B 268 9.69 2.21 34.23
N THR B 269 10.13 1.95 32.99
CA THR B 269 11.13 2.79 32.34
C THR B 269 10.50 3.96 31.59
N VAL B 270 9.17 4.09 31.62
CA VAL B 270 8.46 5.09 30.85
C VAL B 270 8.32 6.36 31.70
N TYR B 271 8.64 7.50 31.10
CA TYR B 271 8.50 8.78 31.79
C TYR B 271 7.03 9.15 31.94
N CYS B 272 6.72 9.86 33.02
CA CYS B 272 5.36 10.30 33.29
C CYS B 272 5.39 11.73 33.80
N ASN B 273 4.55 12.59 33.21
CA ASN B 273 4.37 13.93 33.75
C ASN B 273 3.69 13.88 35.12
N LYS B 274 2.61 13.10 35.22
CA LYS B 274 1.90 12.97 36.48
C LYS B 274 2.77 12.25 37.51
N THR B 275 2.70 12.71 38.75
CA THR B 275 3.43 12.11 39.86
C THR B 275 2.52 11.13 40.61
N PHE B 276 3.10 10.02 41.03
CA PHE B 276 2.30 8.96 41.64
C PHE B 276 2.83 8.60 43.02
N PRO B 277 1.97 8.14 43.93
CA PRO B 277 2.44 7.75 45.26
C PRO B 277 3.46 6.62 45.25
N THR B 278 3.32 5.67 44.33
CA THR B 278 4.15 4.47 44.33
C THR B 278 4.42 4.06 42.89
N THR B 279 5.53 3.37 42.68
CA THR B 279 5.84 2.83 41.35
C THR B 279 4.69 1.96 40.84
N LYS B 280 4.11 1.13 41.71
CA LYS B 280 3.01 0.27 41.29
C LYS B 280 1.80 1.08 40.83
N ALA B 281 1.53 2.20 41.50
CA ALA B 281 0.42 3.06 41.08
C ALA B 281 0.66 3.62 39.68
N LYS B 282 1.90 4.04 39.40
CA LYS B 282 2.23 4.58 38.08
C LYS B 282 2.06 3.53 37.00
N ILE B 283 2.53 2.30 37.25
CA ILE B 283 2.38 1.24 36.25
C ILE B 283 0.91 0.89 36.06
N LEU B 284 0.14 0.85 37.15
CA LEU B 284 -1.28 0.55 37.06
C LEU B 284 -1.99 1.60 36.23
N PHE B 285 -1.64 2.88 36.40
CA PHE B 285 -2.21 3.94 35.59
C PHE B 285 -1.85 3.77 34.12
N LEU B 286 -0.57 3.53 33.83
CA LEU B 286 -0.13 3.40 32.44
C LEU B 286 -0.82 2.21 31.76
N GLN B 287 -0.90 1.08 32.46
CA GLN B 287 -1.55 -0.08 31.88
C GLN B 287 -3.02 0.19 31.59
N GLN B 288 -3.71 0.87 32.52
CA GLN B 288 -5.11 1.21 32.28
C GLN B 288 -5.25 2.20 31.13
N SER B 289 -4.32 3.16 31.02
CA SER B 289 -4.34 4.09 29.91
C SER B 289 -4.15 3.38 28.57
N ILE B 290 -3.15 2.49 28.51
CA ILE B 290 -2.85 1.77 27.27
C ILE B 290 -4.02 0.87 26.89
N PHE B 291 -4.54 0.11 27.86
CA PHE B 291 -5.65 -0.80 27.58
C PHE B 291 -6.90 -0.03 27.16
N ARG B 292 -7.19 1.09 27.85
CA ARG B 292 -8.38 1.86 27.52
C ARG B 292 -8.31 2.44 26.11
N PHE B 293 -7.13 2.89 25.69
CA PHE B 293 -6.97 3.38 24.34
C PHE B 293 -7.20 2.28 23.32
N LEU B 294 -6.70 1.08 23.59
CA LEU B 294 -6.80 -0.04 22.67
C LEU B 294 -8.13 -0.79 22.76
N ASN B 295 -9.03 -0.36 23.65
CA ASN B 295 -10.32 -1.03 23.86
C ASN B 295 -10.13 -2.47 24.34
N ILE B 296 -9.32 -2.62 25.37
CA ILE B 296 -9.00 -3.92 25.96
C ILE B 296 -9.55 -3.93 27.39
N PRO B 297 -10.41 -4.91 27.74
CA PRO B 297 -10.96 -5.05 29.09
C PRO B 297 -9.88 -5.16 30.16
C15 UEM C . 2.01 10.19 -7.96
C17 UEM C . 3.11 8.60 -6.18
N UEM C . -4.55 10.99 -17.52
CA UEM C . -3.79 12.25 -17.79
C UEM C . -4.34 12.91 -19.07
O UEM C . -5.57 12.81 -19.28
CB UEM C . -2.29 11.96 -17.93
OXT UEM C . -3.51 13.51 -19.79
C10 UEM C . -1.97 13.50 -8.20
C12 UEM C . -0.36 12.58 -9.40
C13 UEM C . 0.12 11.86 -8.30
C14 UEM C . 1.24 11.09 -8.77
C16 UEM C . 2.58 9.46 -7.19
C18 UEM C . 2.80 7.26 -6.18
C19 UEM C . 3.25 6.42 -5.19
C20 UEM C . 4.03 6.90 -4.16
C21 UEM C . 4.37 8.28 -4.10
C22 UEM C . 3.91 9.15 -5.12
C23 UEM C . 4.26 10.52 -5.05
C24 UEM C . 5.03 10.99 -4.02
C25 UEM C . 5.48 10.14 -3.03
C26 UEM C . 5.16 8.81 -3.06
C27 UEM C . 1.39 11.38 -10.11
C29 UEM C . 0.21 12.82 -11.84
C30 UEM C . 1.43 13.50 -12.46
C32 UEM C . 1.08 13.44 -13.95
C34 UEM C . 0.15 12.22 -14.07
C36 UEM C . 0.54 11.08 -14.97
C38 UEM C . -1.67 11.33 -16.68
C8 UEM C . -0.58 12.04 -7.07
N11 UEM C . -1.41 13.42 -9.40
N28 UEM C . 0.41 12.28 -10.50
N7 UEM C . -0.25 11.44 -5.93
N9 UEM C . -1.63 12.89 -7.06
O31 UEM C . 1.53 14.84 -11.99
O33 UEM C . 0.42 14.62 -14.39
O35 UEM C . -0.09 11.75 -12.72
S37 UEM C . 0.12 11.13 -16.73
C15 UEM D . 8.17 -5.17 2.17
C17 UEM D . 9.80 -6.58 0.66
N UEM D . 3.78 -2.03 12.56
CA UEM D . 2.42 -2.07 11.95
C UEM D . 1.38 -1.65 12.99
O UEM D . 1.77 -0.93 13.93
CB UEM D . 2.12 -3.45 11.38
OXT UEM D . 0.20 -2.04 12.81
C10 UEM D . 6.72 -0.25 3.02
C12 UEM D . 6.27 -2.36 3.56
C13 UEM D . 7.32 -2.84 2.75
C14 UEM D . 7.29 -4.27 2.86
C16 UEM D . 8.91 -5.85 1.53
C18 UEM D . 10.85 -5.94 0.04
C19 UEM D . 11.69 -6.63 -0.81
C20 UEM D . 11.52 -7.97 -1.05
C21 UEM D . 10.46 -8.67 -0.43
C22 UEM D . 9.58 -7.98 0.44
C23 UEM D . 8.52 -8.70 1.05
C24 UEM D . 8.35 -10.04 0.80
C25 UEM D . 9.22 -10.71 -0.05
C26 UEM D . 10.25 -10.05 -0.66
C27 UEM D . 6.27 -4.58 3.72
C29 UEM D . 4.51 -3.34 5.07
C30 UEM D . 3.24 -4.03 4.59
C32 UEM D . 2.48 -4.21 5.91
C34 UEM D . 3.59 -4.21 6.97
C36 UEM D . 3.69 -5.37 7.94
C38 UEM D . 2.81 -3.72 10.05
C8 UEM D . 8.07 -1.86 2.06
N11 UEM D . 5.94 -1.07 3.73
N28 UEM D . 5.64 -3.44 4.15
N7 UEM D . 9.10 -2.15 1.25
N9 UEM D . 7.73 -0.56 2.21
O31 UEM D . 2.51 -3.20 3.69
O33 UEM D . 1.55 -3.16 6.15
O35 UEM D . 4.84 -3.99 6.27
S37 UEM D . 2.66 -5.43 9.42
#